data_3ID9
#
_entry.id   3ID9
#
_cell.length_a   115.494
_cell.length_b   115.494
_cell.length_c   106.075
_cell.angle_alpha   90.00
_cell.angle_beta   90.00
_cell.angle_gamma   120.00
#
_symmetry.space_group_name_H-M   'P 31 2 1'
#
loop_
_entity.id
_entity.type
_entity.pdbx_description
1 polymer 'MutT/NUDIX family protein'
2 non-polymer 'SULFATE ION'
3 non-polymer 'CHLORIDE ION'
4 water water
#
_entity_poly.entity_id   1
_entity_poly.type   'polypeptide(L)'
_entity_poly.pdbx_seq_one_letter_code
;(MSE)SLEGFICKFNRKRRLYIENI(MSE)QVRVTGILIEDEKVLLVKQKVANRDWSLPGGRVENGETLEEA(MSE)IRE
(MSE)REETGLEVKIKKLLYVCDKPDASPSLLHITFLLERIEGEITLPSNEFDHNPIHDVQ(MSE)VPINELSYYGFSET
FINLISGGLANAGSYQGLKRNIGEGHHHHHH
;
_entity_poly.pdbx_strand_id   A,B
#
# COMPACT_ATOMS: atom_id res chain seq x y z
N GLN A 23 -10.28 -1.00 -10.90
CA GLN A 23 -9.30 -0.07 -11.49
C GLN A 23 -8.28 0.36 -10.44
N VAL A 24 -7.02 0.51 -10.86
CA VAL A 24 -5.96 0.93 -9.94
C VAL A 24 -5.19 2.12 -10.50
N ARG A 25 -4.97 3.13 -9.67
CA ARG A 25 -4.26 4.32 -10.11
C ARG A 25 -3.08 4.66 -9.23
N VAL A 26 -1.98 5.04 -9.85
CA VAL A 26 -0.78 5.40 -9.12
C VAL A 26 -0.44 6.87 -9.34
N THR A 27 0.07 7.52 -8.31
CA THR A 27 0.46 8.91 -8.40
C THR A 27 1.84 9.05 -7.76
N GLY A 28 2.67 9.90 -8.33
CA GLY A 28 4.00 10.07 -7.78
C GLY A 28 4.26 11.38 -7.09
N ILE A 29 5.04 11.33 -6.02
CA ILE A 29 5.41 12.52 -5.29
C ILE A 29 6.91 12.56 -5.36
N LEU A 30 7.42 13.50 -6.16
CA LEU A 30 8.85 13.66 -6.34
C LEU A 30 9.25 14.99 -5.72
N ILE A 31 10.03 14.91 -4.66
CA ILE A 31 10.46 16.10 -3.92
C ILE A 31 11.95 16.38 -4.07
N GLU A 32 12.27 17.65 -4.28
CA GLU A 32 13.66 18.09 -4.40
C GLU A 32 13.71 19.54 -3.91
N ASP A 33 14.67 19.83 -3.04
CA ASP A 33 14.82 21.18 -2.49
C ASP A 33 13.47 21.67 -1.95
N GLU A 34 12.81 20.78 -1.23
CA GLU A 34 11.51 21.05 -0.61
C GLU A 34 10.41 21.53 -1.54
N LYS A 35 10.44 21.03 -2.78
CA LYS A 35 9.42 21.37 -3.76
C LYS A 35 8.87 20.06 -4.31
N VAL A 36 7.63 20.09 -4.77
CA VAL A 36 7.01 18.90 -5.34
C VAL A 36 6.81 19.10 -6.85
N LEU A 37 6.99 18.03 -7.59
CA LEU A 37 6.82 18.05 -9.02
C LEU A 37 5.33 18.01 -9.33
N LEU A 38 4.87 18.95 -10.14
CA LEU A 38 3.48 19.01 -10.57
C LEU A 38 3.49 19.08 -12.09
N VAL A 39 2.43 18.57 -12.71
CA VAL A 39 2.30 18.54 -14.15
C VAL A 39 0.92 19.09 -14.48
N LYS A 40 0.73 19.57 -15.70
CA LYS A 40 -0.56 20.10 -16.04
C LYS A 40 -1.38 18.95 -16.58
N GLN A 41 -2.57 18.79 -15.99
CA GLN A 41 -3.48 17.74 -16.36
C GLN A 41 -4.03 18.03 -17.76
N LYS A 42 -4.02 17.01 -18.62
CA LYS A 42 -4.51 17.17 -20.00
C LYS A 42 -6.03 17.00 -20.08
N VAL A 43 -6.67 16.83 -18.93
CA VAL A 43 -8.12 16.64 -18.87
C VAL A 43 -8.76 17.55 -17.83
N ALA A 44 -10.07 17.73 -17.93
CA ALA A 44 -10.82 18.58 -16.99
C ALA A 44 -10.42 20.04 -17.10
N ASN A 45 -10.35 20.73 -15.95
CA ASN A 45 -9.97 22.13 -15.91
C ASN A 45 -8.47 22.31 -16.15
N ARG A 46 -7.79 21.20 -16.43
CA ARG A 46 -6.36 21.19 -16.70
C ARG A 46 -5.53 21.94 -15.66
N ASP A 47 -5.71 21.59 -14.40
CA ASP A 47 -4.97 22.23 -13.32
C ASP A 47 -3.63 21.57 -13.11
N TRP A 48 -2.77 22.22 -12.34
CA TRP A 48 -1.49 21.63 -12.03
C TRP A 48 -1.77 20.62 -10.93
N SER A 49 -1.39 19.37 -11.15
CA SER A 49 -1.64 18.33 -10.16
C SER A 49 -0.51 17.32 -10.13
N LEU A 50 -0.66 16.32 -9.26
CA LEU A 50 0.34 15.29 -9.12
C LEU A 50 0.39 14.36 -10.33
N PRO A 51 1.60 13.96 -10.72
CA PRO A 51 1.71 13.07 -11.88
C PRO A 51 1.24 11.66 -11.55
N GLY A 52 0.49 11.05 -12.45
CA GLY A 52 0.00 9.71 -12.23
C GLY A 52 -0.86 9.21 -13.36
N GLY A 53 -1.45 8.03 -13.16
CA GLY A 53 -2.31 7.45 -14.18
C GLY A 53 -2.78 6.06 -13.80
N ARG A 54 -3.58 5.47 -14.67
CA ARG A 54 -4.13 4.14 -14.46
C ARG A 54 -3.08 3.06 -14.71
N VAL A 55 -3.11 2.01 -13.88
CA VAL A 55 -2.19 0.91 -14.04
C VAL A 55 -2.79 0.09 -15.18
N GLU A 56 -1.97 -0.26 -16.16
CA GLU A 56 -2.46 -1.01 -17.30
C GLU A 56 -2.30 -2.52 -17.15
N ASN A 57 -3.18 -3.24 -17.84
CA ASN A 57 -3.18 -4.69 -17.82
C ASN A 57 -1.78 -5.25 -18.00
N GLY A 58 -1.37 -6.10 -17.07
CA GLY A 58 -0.06 -6.70 -17.13
C GLY A 58 1.04 -5.91 -16.44
N GLU A 59 0.70 -4.73 -15.93
CA GLU A 59 1.70 -3.90 -15.26
C GLU A 59 1.73 -4.02 -13.74
N THR A 60 2.92 -3.98 -13.17
CA THR A 60 3.03 -3.98 -11.73
C THR A 60 2.76 -2.51 -11.40
N LEU A 61 2.46 -2.19 -10.15
CA LEU A 61 2.24 -0.79 -9.81
C LEU A 61 3.48 0.02 -10.19
N GLU A 62 4.66 -0.56 -9.96
CA GLU A 62 5.90 0.11 -10.27
C GLU A 62 6.10 0.42 -11.75
N GLU A 63 5.81 -0.55 -12.62
CA GLU A 63 5.98 -0.31 -14.05
C GLU A 63 5.07 0.84 -14.50
N ALA A 64 3.86 0.89 -13.96
CA ALA A 64 2.92 1.94 -14.29
C ALA A 64 3.46 3.28 -13.83
N ILE A 66 6.58 4.24 -13.28
CA ILE A 66 7.71 4.61 -14.13
C ILE A 66 7.24 5.06 -15.51
N ARG A 67 6.26 4.37 -16.07
CA ARG A 67 5.74 4.73 -17.38
C ARG A 67 5.07 6.09 -17.33
N GLU A 68 4.25 6.31 -16.30
CA GLU A 68 3.55 7.59 -16.17
C GLU A 68 4.50 8.76 -15.99
N ARG A 70 7.50 8.93 -17.19
CA ARG A 70 8.11 9.12 -18.49
C ARG A 70 7.20 9.88 -19.44
N GLU A 71 5.94 9.47 -19.54
CA GLU A 71 4.99 10.11 -20.43
C GLU A 71 4.61 11.54 -20.02
N GLU A 72 4.65 11.85 -18.73
CA GLU A 72 4.25 13.19 -18.28
C GLU A 72 5.37 14.14 -17.87
N THR A 73 6.57 13.63 -17.63
CA THR A 73 7.67 14.48 -17.20
C THR A 73 8.97 14.12 -17.91
N GLY A 74 8.98 12.98 -18.58
CA GLY A 74 10.16 12.54 -19.28
C GLY A 74 11.31 12.17 -18.35
N LEU A 75 11.04 12.05 -17.05
CA LEU A 75 12.10 11.71 -16.10
C LEU A 75 12.15 10.21 -15.80
N GLU A 76 13.32 9.76 -15.38
CA GLU A 76 13.54 8.37 -15.00
C GLU A 76 13.50 8.36 -13.47
N VAL A 77 12.67 7.52 -12.88
CA VAL A 77 12.57 7.47 -11.43
C VAL A 77 12.59 6.06 -10.88
N LYS A 78 12.65 5.96 -9.56
CA LYS A 78 12.59 4.67 -8.87
C LYS A 78 11.73 4.89 -7.63
N ILE A 79 11.00 3.85 -7.23
CA ILE A 79 10.15 3.94 -6.06
C ILE A 79 11.01 4.04 -4.81
N LYS A 80 10.70 5.01 -3.97
CA LYS A 80 11.44 5.22 -2.73
C LYS A 80 10.66 4.48 -1.65
N LYS A 81 9.36 4.73 -1.61
CA LYS A 81 8.48 4.08 -0.66
C LYS A 81 7.04 4.24 -1.07
N LEU A 82 6.19 3.40 -0.51
CA LEU A 82 4.77 3.48 -0.79
C LEU A 82 4.20 4.37 0.32
N LEU A 83 3.73 5.54 -0.06
CA LEU A 83 3.19 6.47 0.91
C LEU A 83 1.72 6.66 0.63
N TYR A 84 0.88 6.20 1.55
CA TYR A 84 -0.57 6.34 1.36
C TYR A 84 -1.20 5.51 0.27
N VAL A 85 -2.31 4.87 0.63
CA VAL A 85 -3.09 4.04 -0.28
C VAL A 85 -4.53 4.42 0.06
N CYS A 86 -5.33 4.68 -0.96
CA CYS A 86 -6.71 5.10 -0.75
C CYS A 86 -7.65 4.25 -1.57
N ASP A 87 -8.65 3.64 -0.94
CA ASP A 87 -9.57 2.83 -1.72
C ASP A 87 -11.01 3.20 -1.51
N LYS A 88 -11.72 3.28 -2.64
CA LYS A 88 -13.13 3.60 -2.67
C LYS A 88 -13.81 2.59 -3.58
N PRO A 89 -14.30 1.49 -3.00
CA PRO A 89 -14.98 0.41 -3.71
C PRO A 89 -16.35 0.80 -4.27
N ASP A 90 -16.92 1.89 -3.75
CA ASP A 90 -18.23 2.35 -4.21
C ASP A 90 -18.11 3.06 -5.56
N ALA A 91 -16.88 3.38 -5.96
CA ALA A 91 -16.65 4.04 -7.24
C ALA A 91 -17.10 3.10 -8.36
N SER A 92 -16.93 3.55 -9.60
CA SER A 92 -17.32 2.74 -10.74
C SER A 92 -16.27 2.78 -11.85
N PRO A 93 -15.48 1.70 -11.97
CA PRO A 93 -15.53 0.52 -11.12
C PRO A 93 -14.80 0.76 -9.80
N SER A 94 -14.71 -0.27 -8.96
CA SER A 94 -14.01 -0.12 -7.68
C SER A 94 -12.63 0.48 -7.94
N LEU A 95 -12.26 1.46 -7.12
CA LEU A 95 -10.99 2.14 -7.33
C LEU A 95 -10.00 2.03 -6.18
N LEU A 96 -8.75 1.73 -6.54
CA LEU A 96 -7.67 1.62 -5.57
C LEU A 96 -6.64 2.66 -6.00
N HIS A 97 -6.31 3.58 -5.11
CA HIS A 97 -5.39 4.65 -5.41
C HIS A 97 -4.10 4.57 -4.57
N ILE A 98 -2.96 4.36 -5.23
CA ILE A 98 -1.68 4.26 -4.53
C ILE A 98 -0.72 5.42 -4.83
N THR A 99 -0.17 6.03 -3.78
CA THR A 99 0.75 7.13 -3.95
C THR A 99 2.16 6.71 -3.56
N PHE A 100 3.12 6.97 -4.44
CA PHE A 100 4.50 6.58 -4.20
C PHE A 100 5.44 7.76 -3.98
N LEU A 101 6.41 7.59 -3.08
CA LEU A 101 7.42 8.61 -2.86
C LEU A 101 8.41 8.21 -3.94
N LEU A 102 8.78 9.16 -4.80
CA LEU A 102 9.70 8.85 -5.87
C LEU A 102 11.01 9.58 -5.72
N GLU A 103 12.03 9.05 -6.39
CA GLU A 103 13.34 9.67 -6.40
C GLU A 103 13.82 9.62 -7.84
N ARG A 104 14.46 10.68 -8.28
CA ARG A 104 14.95 10.77 -9.65
C ARG A 104 16.27 10.02 -9.77
N ILE A 105 16.50 9.39 -10.91
CA ILE A 105 17.75 8.66 -11.15
C ILE A 105 18.36 9.02 -12.49
N ASN A 119 7.44 12.34 -28.65
CA ASN A 119 8.27 12.82 -27.53
C ASN A 119 8.01 14.31 -27.28
N PRO A 120 6.78 14.65 -26.85
CA PRO A 120 6.37 16.03 -26.58
C PRO A 120 7.11 16.74 -25.44
N ILE A 121 7.02 18.06 -25.44
CA ILE A 121 7.64 18.87 -24.39
C ILE A 121 6.63 18.79 -23.24
N HIS A 122 7.12 18.48 -22.04
CA HIS A 122 6.23 18.29 -20.90
C HIS A 122 5.90 19.54 -20.10
N ASP A 123 4.68 19.56 -19.55
CA ASP A 123 4.24 20.66 -18.71
C ASP A 123 4.63 20.24 -17.28
N VAL A 124 5.71 20.84 -16.77
CA VAL A 124 6.20 20.51 -15.45
C VAL A 124 6.52 21.74 -14.61
N GLN A 125 6.29 21.62 -13.31
CA GLN A 125 6.57 22.71 -12.39
C GLN A 125 6.93 22.17 -11.01
N VAL A 127 6.79 23.04 -7.39
CA VAL A 127 6.12 23.92 -6.46
C VAL A 127 6.60 23.75 -5.02
N PRO A 128 6.96 24.85 -4.35
CA PRO A 128 7.41 24.73 -2.96
C PRO A 128 6.30 24.10 -2.14
N ILE A 129 6.65 23.16 -1.25
CA ILE A 129 5.65 22.50 -0.44
C ILE A 129 4.75 23.49 0.31
N ASN A 130 5.34 24.60 0.75
CA ASN A 130 4.62 25.67 1.45
C ASN A 130 3.41 26.13 0.66
N GLU A 131 3.67 26.50 -0.59
CA GLU A 131 2.66 27.02 -1.50
C GLU A 131 1.62 26.03 -2.01
N LEU A 132 1.78 24.76 -1.68
CA LEU A 132 0.82 23.74 -2.15
C LEU A 132 -0.64 24.10 -1.89
N SER A 133 -0.92 24.83 -0.82
CA SER A 133 -2.30 25.23 -0.54
C SER A 133 -2.87 26.16 -1.62
N TYR A 134 -1.99 26.91 -2.29
CA TYR A 134 -2.43 27.82 -3.35
C TYR A 134 -2.84 27.02 -4.60
N TYR A 135 -2.51 25.74 -4.62
CA TYR A 135 -2.85 24.91 -5.76
C TYR A 135 -4.05 24.01 -5.48
N GLY A 136 -4.76 24.29 -4.39
CA GLY A 136 -5.94 23.55 -4.02
C GLY A 136 -5.72 22.20 -3.35
N PHE A 137 -4.54 21.98 -2.77
CA PHE A 137 -4.25 20.71 -2.14
C PHE A 137 -4.95 20.44 -0.81
N SER A 138 -5.65 19.30 -0.80
CA SER A 138 -6.45 18.81 0.32
C SER A 138 -6.29 19.43 1.69
N GLU A 139 -7.45 19.69 2.29
CA GLU A 139 -7.60 20.27 3.63
C GLU A 139 -7.26 19.21 4.66
N THR A 140 -7.03 17.99 4.20
CA THR A 140 -6.70 16.87 5.07
C THR A 140 -5.20 16.55 5.07
N PHE A 141 -4.48 16.98 4.05
CA PHE A 141 -3.05 16.70 4.00
C PHE A 141 -2.17 17.86 3.51
N ILE A 142 -0.93 17.51 3.17
CA ILE A 142 0.14 18.39 2.71
C ILE A 142 1.20 18.08 3.76
N ASN A 143 0.74 17.80 4.96
CA ASN A 143 1.61 17.43 6.07
C ASN A 143 2.01 15.99 5.82
N LEU A 144 1.14 15.28 5.11
CA LEU A 144 1.40 13.90 4.78
C LEU A 144 2.73 13.83 4.04
N ILE A 145 2.91 14.71 3.04
CA ILE A 145 4.14 14.72 2.28
C ILE A 145 5.25 15.51 2.97
N SER A 146 4.89 16.42 3.86
CA SER A 146 5.88 17.19 4.59
C SER A 146 6.65 16.21 5.46
N GLY A 147 5.91 15.25 6.02
CA GLY A 147 6.52 14.25 6.88
C GLY A 147 7.42 13.28 6.14
N GLY A 148 7.15 13.12 4.83
CA GLY A 148 7.96 12.23 4.02
C GLY A 148 7.87 10.77 4.40
N LEU A 149 9.03 10.14 4.63
CA LEU A 149 9.09 8.74 5.00
C LEU A 149 8.36 8.44 6.29
N ALA A 150 8.24 9.43 7.16
CA ALA A 150 7.56 9.26 8.44
C ALA A 150 6.12 8.81 8.27
N ASN A 151 5.49 9.15 7.15
CA ASN A 151 4.10 8.76 6.93
C ASN A 151 3.93 7.58 6.01
N ALA A 152 5.03 6.92 5.66
CA ALA A 152 4.97 5.76 4.78
C ALA A 152 3.97 4.71 5.27
N GLY A 153 3.20 4.15 4.35
CA GLY A 153 2.24 3.13 4.71
C GLY A 153 0.89 3.61 5.19
N SER A 154 0.57 4.88 5.00
CA SER A 154 -0.72 5.40 5.44
C SER A 154 -1.86 4.83 4.60
N TYR A 155 -3.04 4.73 5.19
CA TYR A 155 -4.21 4.16 4.52
C TYR A 155 -5.47 4.92 4.93
N GLN A 156 -6.56 4.81 4.15
CA GLN A 156 -7.78 5.52 4.52
C GLN A 156 -9.10 4.73 4.51
N GLY A 157 -9.46 4.18 3.35
CA GLY A 157 -10.69 3.42 3.25
C GLY A 157 -11.93 4.28 3.39
N LEU A 158 -12.68 4.41 2.30
CA LEU A 158 -13.91 5.22 2.32
C LEU A 158 -14.91 4.65 1.33
N GLN B 23 -7.91 -9.83 -7.90
CA GLN B 23 -8.20 -10.48 -6.63
C GLN B 23 -7.31 -9.81 -5.60
N VAL B 24 -7.91 -9.28 -4.55
CA VAL B 24 -7.15 -8.61 -3.50
C VAL B 24 -7.16 -9.38 -2.18
N ARG B 25 -5.98 -9.54 -1.59
CA ARG B 25 -5.84 -10.25 -0.33
C ARG B 25 -5.15 -9.42 0.73
N VAL B 26 -5.73 -9.45 1.93
CA VAL B 26 -5.17 -8.73 3.07
C VAL B 26 -4.63 -9.74 4.08
N THR B 27 -3.60 -9.33 4.79
CA THR B 27 -2.98 -10.19 5.80
C THR B 27 -2.75 -9.32 7.03
N GLY B 28 -3.03 -9.87 8.20
CA GLY B 28 -2.86 -9.12 9.42
C GLY B 28 -1.66 -9.54 10.24
N ILE B 29 -0.97 -8.56 10.80
CA ILE B 29 0.18 -8.80 11.63
C ILE B 29 -0.02 -8.02 12.92
N LEU B 30 -0.51 -8.75 13.93
CA LEU B 30 -0.79 -8.19 15.24
C LEU B 30 0.31 -8.64 16.19
N ILE B 31 1.17 -7.70 16.55
CA ILE B 31 2.30 -7.95 17.41
C ILE B 31 2.08 -7.38 18.81
N GLU B 32 2.38 -8.20 19.81
CA GLU B 32 2.27 -7.80 21.21
C GLU B 32 3.37 -8.56 21.95
N ASP B 33 4.15 -7.82 22.74
CA ASP B 33 5.26 -8.39 23.49
C ASP B 33 6.18 -9.20 22.59
N GLU B 34 6.53 -8.61 21.45
CA GLU B 34 7.43 -9.25 20.49
C GLU B 34 6.93 -10.59 19.97
N LYS B 35 5.62 -10.81 20.00
CA LYS B 35 5.04 -12.05 19.51
C LYS B 35 4.03 -11.73 18.43
N VAL B 36 3.90 -12.63 17.46
CA VAL B 36 2.95 -12.43 16.38
C VAL B 36 1.77 -13.38 16.50
N LEU B 37 0.58 -12.89 16.19
CA LEU B 37 -0.62 -13.70 16.25
C LEU B 37 -0.72 -14.66 15.07
N LEU B 38 -0.70 -15.97 15.34
CA LEU B 38 -0.87 -16.94 14.28
C LEU B 38 -2.20 -17.62 14.49
N VAL B 39 -2.78 -18.05 13.39
CA VAL B 39 -4.07 -18.70 13.36
C VAL B 39 -3.88 -20.07 12.73
N LYS B 40 -4.75 -21.01 13.06
CA LYS B 40 -4.63 -22.34 12.49
C LYS B 40 -5.59 -22.45 11.31
N GLN B 41 -5.06 -22.85 10.16
CA GLN B 41 -5.85 -23.00 8.93
C GLN B 41 -6.81 -24.18 8.99
N LYS B 42 -8.06 -23.94 8.58
CA LYS B 42 -9.06 -24.99 8.57
C LYS B 42 -9.01 -25.72 7.24
N VAL B 43 -7.87 -25.62 6.56
CA VAL B 43 -7.67 -26.26 5.27
C VAL B 43 -6.28 -26.91 5.19
N ALA B 44 -5.96 -27.44 4.02
CA ALA B 44 -4.68 -28.10 3.76
C ALA B 44 -4.16 -28.89 4.97
N ASN B 45 -2.86 -28.77 5.22
CA ASN B 45 -2.22 -29.46 6.34
C ASN B 45 -2.38 -28.70 7.64
N ARG B 46 -3.46 -27.95 7.77
CA ARG B 46 -3.71 -27.16 8.97
C ARG B 46 -2.58 -26.13 9.05
N ASP B 47 -1.69 -26.31 10.03
CA ASP B 47 -0.55 -25.43 10.22
C ASP B 47 -0.85 -23.99 10.60
N TRP B 48 0.00 -23.43 11.45
CA TRP B 48 -0.13 -22.07 11.92
C TRP B 48 0.35 -21.06 10.90
N SER B 49 -0.48 -20.08 10.61
CA SER B 49 -0.14 -19.05 9.63
C SER B 49 -0.75 -17.72 10.01
N LEU B 50 -0.45 -16.68 9.22
CA LEU B 50 -0.98 -15.36 9.50
C LEU B 50 -2.46 -15.26 9.13
N PRO B 51 -3.21 -14.45 9.88
CA PRO B 51 -4.64 -14.30 9.58
C PRO B 51 -4.81 -13.39 8.35
N GLY B 52 -5.78 -13.72 7.51
CA GLY B 52 -6.03 -12.94 6.33
C GLY B 52 -7.05 -13.59 5.42
N GLY B 53 -7.28 -13.00 4.26
CA GLY B 53 -8.23 -13.56 3.33
C GLY B 53 -8.55 -12.64 2.16
N ARG B 54 -9.47 -13.11 1.33
CA ARG B 54 -9.90 -12.36 0.15
C ARG B 54 -10.74 -11.14 0.51
N VAL B 55 -10.49 -10.03 -0.18
CA VAL B 55 -11.27 -8.83 0.02
C VAL B 55 -12.53 -9.06 -0.82
N GLU B 56 -13.69 -9.12 -0.19
CA GLU B 56 -14.94 -9.37 -0.90
C GLU B 56 -15.50 -8.13 -1.59
N ASN B 57 -16.14 -8.35 -2.73
CA ASN B 57 -16.70 -7.27 -3.53
C ASN B 57 -17.45 -6.21 -2.72
N GLY B 58 -17.04 -4.95 -2.92
CA GLY B 58 -17.65 -3.85 -2.21
C GLY B 58 -17.02 -3.50 -0.87
N GLU B 59 -16.06 -4.30 -0.43
CA GLU B 59 -15.40 -4.01 0.84
C GLU B 59 -14.16 -3.19 0.63
N THR B 60 -13.82 -2.38 1.62
CA THR B 60 -12.59 -1.62 1.57
C THR B 60 -11.56 -2.58 2.14
N LEU B 61 -10.28 -2.38 1.85
CA LEU B 61 -9.26 -3.27 2.40
C LEU B 61 -9.46 -3.38 3.91
N GLU B 62 -9.80 -2.26 4.53
CA GLU B 62 -10.02 -2.21 5.96
C GLU B 62 -11.18 -3.09 6.44
N GLU B 63 -12.32 -2.96 5.78
CA GLU B 63 -13.48 -3.77 6.17
C GLU B 63 -13.17 -5.26 6.10
N ALA B 64 -12.40 -5.66 5.09
CA ALA B 64 -12.02 -7.05 4.92
C ALA B 64 -11.04 -7.50 6.02
N ILE B 66 -10.72 -6.27 9.07
CA ILE B 66 -11.47 -6.35 10.32
C ILE B 66 -12.37 -7.59 10.33
N ARG B 67 -12.99 -7.89 9.20
CA ARG B 67 -13.87 -9.05 9.11
C ARG B 67 -13.10 -10.37 9.25
N GLU B 68 -12.01 -10.51 8.50
CA GLU B 68 -11.21 -11.72 8.58
C GLU B 68 -10.69 -11.88 10.00
N ARG B 70 -11.99 -10.97 12.89
CA ARG B 70 -12.90 -11.50 13.89
C ARG B 70 -13.53 -12.85 13.55
N GLU B 71 -13.35 -13.32 12.32
CA GLU B 71 -13.87 -14.63 11.96
C GLU B 71 -12.82 -15.67 12.32
N GLU B 72 -11.55 -15.26 12.33
CA GLU B 72 -10.46 -16.19 12.64
C GLU B 72 -9.88 -16.07 14.04
N THR B 73 -10.12 -14.94 14.72
CA THR B 73 -9.57 -14.73 16.06
C THR B 73 -10.60 -14.08 17.01
N GLY B 74 -11.74 -13.68 16.48
CA GLY B 74 -12.74 -13.04 17.31
C GLY B 74 -12.32 -11.73 17.95
N LEU B 75 -11.15 -11.20 17.57
CA LEU B 75 -10.65 -9.94 18.13
C LEU B 75 -11.12 -8.70 17.37
N GLU B 76 -11.16 -7.56 18.07
CA GLU B 76 -11.51 -6.29 17.44
C GLU B 76 -10.19 -5.57 17.20
N VAL B 77 -9.95 -5.16 15.97
CA VAL B 77 -8.70 -4.50 15.65
C VAL B 77 -8.85 -3.24 14.83
N LYS B 78 -7.76 -2.48 14.75
CA LYS B 78 -7.73 -1.28 13.93
C LYS B 78 -6.38 -1.29 13.22
N ILE B 79 -6.36 -0.69 12.03
CA ILE B 79 -5.13 -0.63 11.25
C ILE B 79 -4.16 0.43 11.76
N LYS B 80 -2.88 0.07 11.82
CA LYS B 80 -1.85 1.00 12.27
C LYS B 80 -1.22 1.57 11.01
N LYS B 81 -0.72 0.67 10.18
CA LYS B 81 -0.10 1.07 8.92
C LYS B 81 -0.01 -0.04 7.90
N LEU B 82 0.15 0.37 6.65
CA LEU B 82 0.28 -0.53 5.52
C LEU B 82 1.74 -0.97 5.62
N LEU B 83 1.97 -2.27 5.78
CA LEU B 83 3.34 -2.73 5.92
C LEU B 83 3.99 -3.15 4.61
N TYR B 84 3.25 -3.89 3.79
CA TYR B 84 3.82 -4.42 2.58
C TYR B 84 2.76 -4.66 1.52
N VAL B 85 3.09 -4.30 0.29
CA VAL B 85 2.19 -4.48 -0.82
C VAL B 85 2.95 -5.31 -1.85
N CYS B 86 2.33 -6.40 -2.26
CA CYS B 86 2.94 -7.30 -3.23
C CYS B 86 1.94 -7.49 -4.36
N ASP B 87 2.36 -7.20 -5.60
CA ASP B 87 1.45 -7.41 -6.69
C ASP B 87 2.03 -8.27 -7.79
N LYS B 88 1.17 -9.16 -8.29
CA LYS B 88 1.50 -10.12 -9.34
C LYS B 88 0.50 -9.93 -10.47
N PRO B 89 0.76 -8.97 -11.36
CA PRO B 89 -0.18 -8.76 -12.47
C PRO B 89 -0.31 -9.97 -13.41
N ASP B 90 0.74 -10.80 -13.51
CA ASP B 90 0.68 -11.96 -14.39
C ASP B 90 -0.14 -13.13 -13.85
N ALA B 91 -0.51 -13.08 -12.56
CA ALA B 91 -1.30 -14.17 -11.98
C ALA B 91 -2.68 -14.20 -12.62
N SER B 92 -3.38 -15.32 -12.47
CA SER B 92 -4.73 -15.48 -13.02
C SER B 92 -5.70 -15.77 -11.90
N PRO B 93 -6.45 -14.76 -11.43
CA PRO B 93 -6.45 -13.37 -11.91
C PRO B 93 -5.32 -12.54 -11.30
N SER B 94 -5.15 -11.32 -11.81
CA SER B 94 -4.12 -10.41 -11.29
C SER B 94 -4.25 -10.38 -9.78
N LEU B 95 -3.11 -10.37 -9.10
CA LEU B 95 -3.14 -10.38 -7.64
C LEU B 95 -2.45 -9.24 -6.93
N LEU B 96 -3.16 -8.69 -5.95
CA LEU B 96 -2.62 -7.62 -5.13
C LEU B 96 -2.72 -8.13 -3.69
N HIS B 97 -1.60 -8.20 -2.99
CA HIS B 97 -1.57 -8.69 -1.61
C HIS B 97 -1.10 -7.60 -0.64
N ILE B 98 -2.00 -7.16 0.23
CA ILE B 98 -1.65 -6.13 1.22
C ILE B 98 -1.51 -6.70 2.65
N THR B 99 -0.43 -6.31 3.32
CA THR B 99 -0.17 -6.74 4.70
C THR B 99 -0.29 -5.55 5.64
N PHE B 100 -1.16 -5.68 6.64
CA PHE B 100 -1.38 -4.61 7.62
C PHE B 100 -0.81 -4.87 9.01
N LEU B 101 -0.21 -3.84 9.61
CA LEU B 101 0.27 -3.96 10.98
C LEU B 101 -0.99 -3.61 11.75
N LEU B 102 -1.49 -4.55 12.55
CA LEU B 102 -2.71 -4.33 13.31
C LEU B 102 -2.47 -4.03 14.78
N GLU B 103 -3.49 -3.45 15.41
CA GLU B 103 -3.45 -3.12 16.83
C GLU B 103 -4.80 -3.49 17.43
N ARG B 104 -4.78 -4.09 18.62
CA ARG B 104 -6.03 -4.49 19.30
C ARG B 104 -6.76 -3.28 19.88
N ILE B 105 -8.08 -3.32 19.85
CA ILE B 105 -8.89 -2.25 20.41
C ILE B 105 -10.04 -2.86 21.23
N GLU B 106 -11.17 -2.16 21.28
CA GLU B 106 -12.34 -2.63 22.03
C GLU B 106 -13.53 -2.84 21.10
N PRO B 120 -18.08 -19.43 18.39
CA PRO B 120 -17.07 -20.44 18.03
C PRO B 120 -15.70 -20.10 18.63
N ILE B 121 -15.02 -21.11 19.14
CA ILE B 121 -13.70 -20.92 19.74
C ILE B 121 -12.65 -20.94 18.64
N HIS B 122 -11.79 -19.92 18.63
CA HIS B 122 -10.76 -19.81 17.61
C HIS B 122 -9.44 -20.43 17.99
N ASP B 123 -8.73 -20.93 16.98
CA ASP B 123 -7.41 -21.52 17.17
C ASP B 123 -6.42 -20.37 17.00
N VAL B 124 -5.87 -19.92 18.14
CA VAL B 124 -4.95 -18.79 18.14
C VAL B 124 -3.72 -19.03 18.99
N GLN B 125 -2.59 -18.50 18.53
CA GLN B 125 -1.35 -18.64 19.25
C GLN B 125 -0.45 -17.42 19.02
N VAL B 127 3.12 -16.32 18.77
CA VAL B 127 4.47 -16.86 18.63
C VAL B 127 5.55 -15.77 18.61
N PRO B 128 6.60 -15.95 19.43
CA PRO B 128 7.68 -14.97 19.46
C PRO B 128 8.22 -14.80 18.06
N ILE B 129 8.50 -13.55 17.67
CA ILE B 129 9.00 -13.27 16.33
C ILE B 129 10.32 -13.97 16.00
N ASN B 130 11.20 -14.13 16.98
CA ASN B 130 12.47 -14.80 16.74
C ASN B 130 12.31 -16.32 16.64
N GLU B 131 11.07 -16.80 16.53
CA GLU B 131 10.81 -18.23 16.42
C GLU B 131 9.96 -18.58 15.20
N LEU B 132 9.62 -17.57 14.40
CA LEU B 132 8.82 -17.79 13.20
C LEU B 132 9.46 -18.74 12.19
N SER B 133 10.78 -18.86 12.21
CA SER B 133 11.43 -19.76 11.26
C SER B 133 10.91 -21.17 11.45
N TYR B 134 10.55 -21.49 12.69
CA TYR B 134 10.02 -22.80 13.01
C TYR B 134 8.72 -23.07 12.25
N TYR B 135 7.97 -22.01 11.96
CA TYR B 135 6.71 -22.17 11.26
C TYR B 135 6.79 -21.92 9.76
N GLY B 136 8.02 -21.90 9.23
CA GLY B 136 8.19 -21.72 7.80
C GLY B 136 8.43 -20.32 7.26
N PHE B 137 8.46 -19.33 8.13
CA PHE B 137 8.68 -17.98 7.64
C PHE B 137 10.16 -17.79 7.32
N SER B 138 10.42 -17.14 6.20
CA SER B 138 11.79 -16.90 5.76
C SER B 138 12.43 -15.81 6.61
N GLU B 139 13.76 -15.78 6.65
CA GLU B 139 14.47 -14.77 7.42
C GLU B 139 14.18 -13.39 6.88
N THR B 140 13.94 -13.29 5.58
CA THR B 140 13.62 -12.01 4.95
C THR B 140 12.33 -11.45 5.53
N PHE B 141 11.32 -12.32 5.64
CA PHE B 141 10.03 -11.91 6.16
C PHE B 141 10.12 -11.58 7.64
N ILE B 142 10.87 -12.38 8.38
CA ILE B 142 11.02 -12.15 9.80
C ILE B 142 11.65 -10.77 10.02
N ASN B 143 12.61 -10.40 9.16
CA ASN B 143 13.24 -9.10 9.28
C ASN B 143 12.25 -7.97 9.02
N LEU B 144 11.36 -8.18 8.05
CA LEU B 144 10.35 -7.19 7.72
C LEU B 144 9.45 -6.93 8.92
N ILE B 145 8.84 -7.99 9.44
CA ILE B 145 7.97 -7.93 10.60
C ILE B 145 8.75 -7.41 11.79
N SER B 146 10.00 -7.81 11.91
CA SER B 146 10.83 -7.40 13.02
C SER B 146 11.09 -5.89 13.01
N GLY B 147 11.29 -5.32 11.84
CA GLY B 147 11.55 -3.89 11.75
C GLY B 147 10.29 -3.10 12.10
N GLY B 148 9.14 -3.73 11.92
CA GLY B 148 7.88 -3.09 12.25
C GLY B 148 7.58 -1.80 11.52
N LEU B 149 7.06 -0.83 12.26
CA LEU B 149 6.69 0.47 11.71
C LEU B 149 7.79 1.11 10.88
N ALA B 150 9.04 0.72 11.15
CA ALA B 150 10.16 1.27 10.40
C ALA B 150 10.16 0.79 8.95
N ASN B 151 9.56 -0.36 8.71
CA ASN B 151 9.51 -0.93 7.37
C ASN B 151 8.16 -0.68 6.70
N ALA B 152 7.33 0.14 7.32
CA ALA B 152 6.02 0.45 6.77
C ALA B 152 6.18 1.03 5.35
N GLY B 153 5.18 0.80 4.50
CA GLY B 153 5.24 1.31 3.14
C GLY B 153 6.16 0.57 2.18
N SER B 154 6.47 -0.69 2.47
CA SER B 154 7.32 -1.49 1.60
C SER B 154 6.51 -2.00 0.42
N TYR B 155 7.16 -2.11 -0.74
CA TYR B 155 6.47 -2.56 -1.93
C TYR B 155 7.35 -3.44 -2.82
N GLN B 156 6.71 -4.31 -3.58
CA GLN B 156 7.45 -5.17 -4.48
C GLN B 156 6.54 -5.65 -5.59
N GLY B 157 7.01 -5.54 -6.82
CA GLY B 157 6.25 -5.99 -7.98
C GLY B 157 6.89 -7.28 -8.44
N LEU B 158 6.09 -8.29 -8.74
CA LEU B 158 6.62 -9.57 -9.19
C LEU B 158 6.01 -10.02 -10.51
N LYS B 159 6.88 -10.27 -11.49
CA LYS B 159 6.47 -10.73 -12.79
C LYS B 159 7.29 -11.98 -13.13
N ARG B 160 6.71 -12.88 -13.92
CA ARG B 160 7.42 -14.08 -14.31
C ARG B 160 8.50 -13.74 -15.33
N ASN B 161 9.48 -14.64 -15.44
CA ASN B 161 10.61 -14.50 -16.36
C ASN B 161 11.66 -13.50 -15.86
#